data_7QZ7
#
_entry.id   7QZ7
#
_cell.length_a   102.495
_cell.length_b   35.091
_cell.length_c   68.074
_cell.angle_alpha   90.000
_cell.angle_beta   98.010
_cell.angle_gamma   90.000
#
_symmetry.space_group_name_H-M   'C 1 2 1'
#
loop_
_entity.id
_entity.type
_entity.pdbx_description
1 polymer 'Transcriptional regulator, PadR-like family'
2 non-polymer DAUNOMYCIN
3 water water
#
_entity_poly.entity_id   1
_entity_poly.type   'polypeptide(L)'
_entity_poly.pdbx_seq_one_letter_code
;MAEIPKEMLRAQTNVILLNVLKQGDNYVYGIIKQVKEASNGEMELNEATLYTIFKRLEKDGIISSY(TFW)GDESQGGRR
KYYRLTEIGHENMRLAFES(TFW)SRVDKIIENLEANKKSEAIK
;
_entity_poly.pdbx_strand_id   A,B
#
loop_
_chem_comp.id
_chem_comp.type
_chem_comp.name
_chem_comp.formula
DM1 non-polymer DAUNOMYCIN 'C27 H29 N O10'
TFW non-polymer 5,6,7-trifluoro-tryptophan 'C11 H9 F3 N2 O2'
#
# COMPACT_ATOMS: atom_id res chain seq x y z
N ILE A 4 2.59 4.67 -13.03
CA ILE A 4 2.51 4.24 -11.63
C ILE A 4 3.28 5.23 -10.75
N PRO A 5 2.71 5.63 -9.62
CA PRO A 5 3.45 6.54 -8.74
C PRO A 5 4.76 5.92 -8.26
N LYS A 6 5.85 6.65 -8.46
CA LYS A 6 7.14 6.20 -7.94
C LYS A 6 7.03 5.96 -6.44
N GLU A 7 6.30 6.83 -5.75
CA GLU A 7 5.99 6.62 -4.36
C GLU A 7 5.44 5.22 -4.15
N MET A 8 4.64 4.74 -5.11
CA MET A 8 3.99 3.44 -4.96
C MET A 8 4.98 2.32 -5.23
N LEU A 9 5.93 2.55 -6.14
CA LEU A 9 6.93 1.51 -6.39
C LEU A 9 7.87 1.34 -5.20
N ARG A 10 8.23 2.43 -4.51
CA ARG A 10 9.07 2.29 -3.32
C ARG A 10 8.35 1.49 -2.24
N ALA A 11 7.04 1.72 -2.07
CA ALA A 11 6.30 0.94 -1.09
C ALA A 11 6.31 -0.53 -1.47
N GLN A 12 6.01 -0.83 -2.75
CA GLN A 12 6.04 -2.21 -3.24
C GLN A 12 7.42 -2.83 -3.04
N THR A 13 8.45 -2.11 -3.46
CA THR A 13 9.79 -2.63 -3.26
C THR A 13 10.06 -2.91 -1.78
N ASN A 14 9.52 -2.09 -0.88
CA ASN A 14 9.71 -2.36 0.55
C ASN A 14 9.02 -3.64 0.95
N VAL A 15 7.79 -3.82 0.50
CA VAL A 15 7.03 -5.02 0.84
C VAL A 15 7.77 -6.27 0.38
N ILE A 16 8.25 -6.29 -0.86
CA ILE A 16 8.91 -7.48 -1.36
C ILE A 16 10.16 -7.79 -0.55
N LEU A 17 11.01 -6.79 -0.34
CA LEU A 17 12.25 -7.04 0.39
C LEU A 17 11.95 -7.62 1.75
N LEU A 18 11.00 -7.03 2.46
CA LEU A 18 10.66 -7.56 3.76
C LEU A 18 10.13 -8.96 3.68
N ASN A 19 9.33 -9.26 2.67
CA ASN A 19 8.85 -10.63 2.56
C ASN A 19 9.99 -11.58 2.28
N VAL A 20 11.03 -11.11 1.60
CA VAL A 20 12.20 -11.96 1.39
C VAL A 20 12.87 -12.31 2.70
N LEU A 21 13.14 -11.31 3.52
CA LEU A 21 13.81 -11.53 4.77
C LEU A 21 12.94 -12.36 5.71
N LYS A 22 11.62 -12.25 5.57
CA LYS A 22 10.74 -13.14 6.30
C LYS A 22 11.01 -14.58 5.90
N GLN A 23 11.30 -14.83 4.62
CA GLN A 23 11.70 -16.17 4.23
C GLN A 23 12.97 -16.59 4.97
N GLY A 24 13.85 -15.66 5.28
CA GLY A 24 15.06 -15.99 6.01
C GLY A 24 16.10 -14.92 5.83
N ASP A 25 17.02 -14.86 6.78
CA ASP A 25 18.11 -13.90 6.66
C ASP A 25 18.78 -14.07 5.30
N ASN A 26 19.36 -13.00 4.78
CA ASN A 26 19.96 -13.09 3.45
C ASN A 26 20.87 -11.88 3.28
N TYR A 27 21.75 -11.97 2.27
CA TYR A 27 22.67 -10.91 1.87
C TYR A 27 22.19 -10.29 0.58
N VAL A 28 22.71 -9.11 0.28
CA VAL A 28 22.15 -8.25 -0.75
C VAL A 28 22.11 -8.98 -2.10
N TYR A 29 23.24 -9.49 -2.55
CA TYR A 29 23.20 -10.18 -3.85
C TYR A 29 22.27 -11.39 -3.80
N GLY A 30 22.17 -12.11 -2.67
CA GLY A 30 21.19 -13.17 -2.60
C GLY A 30 19.76 -12.67 -2.69
N ILE A 31 19.52 -11.47 -2.17
CA ILE A 31 18.17 -10.91 -2.18
C ILE A 31 17.80 -10.47 -3.58
N ILE A 32 18.73 -9.76 -4.23
CA ILE A 32 18.49 -9.40 -5.62
C ILE A 32 18.21 -10.63 -6.46
N LYS A 33 18.99 -11.69 -6.26
CA LYS A 33 18.74 -12.90 -7.05
C LYS A 33 17.33 -13.42 -6.79
N GLN A 34 16.97 -13.55 -5.52
CA GLN A 34 15.69 -14.16 -5.18
C GLN A 34 14.55 -13.37 -5.79
N VAL A 35 14.67 -12.05 -5.77
CA VAL A 35 13.58 -11.23 -6.30
C VAL A 35 13.53 -11.32 -7.80
N LYS A 36 14.70 -11.31 -8.43
CA LYS A 36 14.74 -11.49 -9.88
C LYS A 36 14.06 -12.78 -10.29
N GLU A 37 14.28 -13.87 -9.55
CA GLU A 37 13.69 -15.15 -9.92
C GLU A 37 12.19 -15.13 -9.67
N ALA A 38 11.80 -14.65 -8.49
CA ALA A 38 10.39 -14.63 -8.10
C ALA A 38 9.57 -13.75 -9.03
N SER A 39 10.15 -12.69 -9.58
CA SER A 39 9.48 -11.93 -10.62
C SER A 39 9.79 -12.43 -12.01
N ASN A 40 10.49 -13.54 -12.14
CA ASN A 40 10.83 -14.08 -13.46
C ASN A 40 11.48 -13.00 -14.32
N GLY A 41 12.23 -12.10 -13.69
CA GLY A 41 13.05 -11.15 -14.43
C GLY A 41 12.44 -9.78 -14.57
N GLU A 42 11.21 -9.58 -14.11
CA GLU A 42 10.56 -8.29 -14.32
C GLU A 42 11.06 -7.21 -13.36
N MET A 43 11.63 -7.59 -12.21
CA MET A 43 12.13 -6.64 -11.22
C MET A 43 13.57 -6.99 -10.94
N GLU A 44 14.48 -6.23 -11.52
CA GLU A 44 15.91 -6.42 -11.33
C GLU A 44 16.42 -5.24 -10.51
N LEU A 45 16.50 -5.42 -9.21
CA LEU A 45 16.88 -4.34 -8.33
C LEU A 45 18.39 -4.11 -8.30
N ASN A 46 18.79 -2.84 -8.37
CA ASN A 46 20.21 -2.56 -8.31
C ASN A 46 20.62 -2.45 -6.84
N GLU A 47 21.87 -2.84 -6.59
CA GLU A 47 22.46 -2.85 -5.27
C GLU A 47 22.23 -1.56 -4.50
N ALA A 48 22.34 -0.43 -5.17
CA ALA A 48 22.25 0.85 -4.49
C ALA A 48 20.88 1.05 -3.87
N THR A 49 19.83 0.64 -4.57
CA THR A 49 18.48 0.84 -4.06
C THR A 49 18.25 0.06 -2.78
N LEU A 50 18.86 -1.12 -2.65
CA LEU A 50 18.64 -1.87 -1.44
C LEU A 50 19.36 -1.22 -0.27
N TYR A 51 20.59 -0.77 -0.50
CA TYR A 51 21.29 -0.12 0.58
C TYR A 51 20.47 1.07 1.04
N THR A 52 20.01 1.87 0.10
CA THR A 52 19.21 3.03 0.46
C THR A 52 18.04 2.61 1.33
N ILE A 53 17.36 1.54 0.95
CA ILE A 53 16.15 1.12 1.65
C ILE A 53 16.49 0.47 2.96
N PHE A 54 17.58 -0.29 3.01
CA PHE A 54 17.93 -0.99 4.24
C PHE A 54 18.48 -0.03 5.27
N LYS A 55 19.17 1.02 4.85
CA LYS A 55 19.62 2.00 5.82
C LYS A 55 18.45 2.57 6.62
N ARG A 56 17.34 2.86 5.93
CA ARG A 56 16.13 3.37 6.59
C ARG A 56 15.54 2.32 7.52
N LEU A 57 15.50 1.07 7.07
CA LEU A 57 14.88 0.02 7.85
C LEU A 57 15.70 -0.33 9.08
N GLU A 58 17.02 -0.35 8.93
CA GLU A 58 17.91 -0.56 10.07
C GLU A 58 17.75 0.58 11.06
N LYS A 59 17.64 1.82 10.58
CA LYS A 59 17.46 2.93 11.50
C LYS A 59 16.12 2.89 12.21
N ASP A 60 15.11 2.30 11.60
CA ASP A 60 13.80 2.16 12.23
C ASP A 60 13.70 0.87 13.05
N GLY A 61 14.80 0.14 13.19
CA GLY A 61 14.75 -1.10 13.94
C GLY A 61 13.97 -2.18 13.28
N ILE A 62 13.60 -2.01 12.02
CA ILE A 62 12.84 -3.04 11.31
C ILE A 62 13.74 -4.21 10.92
N ILE A 63 15.00 -3.95 10.60
CA ILE A 63 15.95 -5.00 10.30
C ILE A 63 17.27 -4.69 10.98
N SER A 64 18.05 -5.74 11.19
CA SER A 64 19.43 -5.61 11.63
C SER A 64 20.32 -6.38 10.67
N SER A 65 21.63 -6.25 10.86
CA SER A 65 22.59 -6.87 9.96
C SER A 65 23.69 -7.50 10.80
N TYR A 66 24.40 -8.45 10.20
CA TYR A 66 25.49 -9.12 10.90
C TYR A 66 26.34 -9.86 9.88
N TFW A 67 27.59 -10.08 10.25
CA TFW A 67 28.60 -10.67 9.35
C TFW A 67 28.58 -12.16 9.57
O TFW A 67 28.83 -12.61 10.70
CB TFW A 67 29.98 -10.06 9.64
CG TFW A 67 29.94 -8.66 9.09
CD1 TFW A 67 29.60 -7.57 9.81
CD2 TFW A 67 30.23 -8.27 7.75
NE1 TFW A 67 29.66 -6.47 8.97
CE2 TFW A 67 30.03 -6.87 7.71
CE3 TFW A 67 30.59 -8.95 6.59
CZ2 TFW A 67 30.24 -6.17 6.53
CZ3 TFW A 67 30.81 -8.22 5.43
CH2 TFW A 67 30.62 -6.85 5.40
FAC TFW A 67 30.06 -4.82 6.49
FAD TFW A 67 30.80 -6.13 4.26
FAE TFW A 67 31.21 -8.89 4.30
HA TFW A 67 28.37 -10.47 8.30
HB3 TFW A 67 30.75 -10.65 9.14
H1 TFW A 67 30.17 -10.05 10.71
HD1 TFW A 67 29.32 -7.55 10.87
HE1 TFW A 67 29.46 -5.52 9.23
HE3 TFW A 67 30.72 -10.03 6.60
N GLY A 68 28.27 -12.91 8.52
CA GLY A 68 28.35 -14.37 8.57
C GLY A 68 29.22 -14.83 7.42
N ASP A 69 29.88 -15.98 7.57
CA ASP A 69 30.70 -16.51 6.48
C ASP A 69 29.88 -17.54 5.72
N GLY A 74 35.35 -15.62 2.68
CA GLY A 74 33.95 -15.92 2.41
C GLY A 74 33.01 -15.04 3.21
N ARG A 75 33.47 -13.85 3.57
CA ARG A 75 32.68 -12.95 4.40
C ARG A 75 31.48 -12.42 3.63
N ARG A 76 30.34 -12.31 4.31
CA ARG A 76 29.13 -11.71 3.75
C ARG A 76 28.36 -11.00 4.86
N LYS A 77 27.70 -9.90 4.49
CA LYS A 77 26.87 -9.12 5.41
C LYS A 77 25.45 -9.64 5.29
N TYR A 78 24.93 -10.25 6.32
CA TYR A 78 23.57 -10.77 6.30
C TYR A 78 22.60 -9.76 6.92
N TYR A 79 21.35 -9.81 6.48
CA TYR A 79 20.30 -8.90 6.95
C TYR A 79 19.17 -9.72 7.54
N ARG A 80 18.70 -9.30 8.71
CA ARG A 80 17.68 -10.03 9.46
C ARG A 80 16.45 -9.16 9.70
N LEU A 81 15.28 -9.77 9.68
CA LEU A 81 14.05 -9.12 10.09
C LEU A 81 13.88 -9.28 11.59
N THR A 82 13.89 -8.18 12.34
CA THR A 82 13.74 -8.17 13.78
C THR A 82 12.33 -8.54 14.22
N GLU A 83 12.18 -8.77 15.53
CA GLU A 83 10.88 -9.12 16.08
C GLU A 83 9.87 -8.02 15.80
N ILE A 84 10.27 -6.77 15.97
CA ILE A 84 9.39 -5.66 15.64
C ILE A 84 8.98 -5.73 14.17
N GLY A 85 9.93 -6.06 13.31
CA GLY A 85 9.60 -6.22 11.90
C GLY A 85 8.56 -7.29 11.67
N HIS A 86 8.73 -8.44 12.31
CA HIS A 86 7.73 -9.50 12.16
C HIS A 86 6.37 -9.01 12.64
N GLU A 87 6.34 -8.39 13.82
CA GLU A 87 5.07 -7.90 14.35
C GLU A 87 4.47 -6.86 13.41
N ASN A 88 5.28 -5.92 12.95
CA ASN A 88 4.78 -4.93 12.00
C ASN A 88 4.21 -5.58 10.76
N MET A 89 4.93 -6.55 10.18
CA MET A 89 4.39 -7.22 9.01
C MET A 89 3.08 -7.89 9.36
N ARG A 90 3.02 -8.52 10.52
CA ARG A 90 1.79 -9.18 10.95
C ARG A 90 0.67 -8.16 11.08
N LEU A 91 0.89 -7.13 11.91
CA LEU A 91 -0.09 -6.09 12.08
C LEU A 91 -0.50 -5.48 10.75
N ALA A 92 0.47 -5.20 9.88
CA ALA A 92 0.15 -4.55 8.61
C ALA A 92 -0.72 -5.46 7.74
N PHE A 93 -0.33 -6.71 7.59
CA PHE A 93 -1.12 -7.64 6.78
C PHE A 93 -2.52 -7.79 7.35
N GLU A 94 -2.64 -7.84 8.68
CA GLU A 94 -3.96 -7.84 9.29
C GLU A 94 -4.69 -6.56 8.91
N SER A 95 -4.04 -5.44 9.02
CA SER A 95 -4.61 -4.17 8.63
C SER A 95 -5.19 -4.23 7.24
N TFW A 96 -4.37 -4.58 6.26
CA TFW A 96 -4.81 -4.54 4.86
C TFW A 96 -5.93 -5.52 4.60
O TFW A 96 -6.77 -5.26 3.72
CB TFW A 96 -3.66 -4.83 3.92
CG TFW A 96 -2.91 -3.57 3.78
CD1 TFW A 96 -1.79 -3.22 4.48
CD2 TFW A 96 -3.27 -2.52 2.90
NE1 TFW A 96 -1.41 -1.97 4.06
CE2 TFW A 96 -2.31 -1.52 3.11
CE3 TFW A 96 -4.29 -2.32 1.99
CZ2 TFW A 96 -2.38 -0.35 2.38
CZ3 TFW A 96 -4.35 -1.12 1.27
CH2 TFW A 96 -3.39 -0.16 1.48
FAC TFW A 96 -1.43 0.59 2.60
FAD TFW A 96 -3.49 1.01 0.76
FAE TFW A 96 -5.32 -0.90 0.37
HA TFW A 96 -5.22 -3.54 4.67
HB3 TFW A 96 -4.03 -5.16 2.95
H1 TFW A 96 -3.02 -5.61 4.34
HD1 TFW A 96 -1.30 -3.81 5.25
HE1 TFW A 96 -0.61 -1.47 4.38
HE3 TFW A 96 -5.05 -3.10 1.82
N SER A 97 -5.95 -6.62 5.31
CA SER A 97 -7.02 -7.57 5.16
C SER A 97 -8.35 -6.93 5.57
N ARG A 98 -8.32 -6.09 6.61
CA ARG A 98 -9.55 -5.40 7.02
C ARG A 98 -10.08 -4.55 5.88
N VAL A 99 -9.18 -3.91 5.13
CA VAL A 99 -9.61 -3.03 4.05
C VAL A 99 -10.37 -3.83 3.02
N ASP A 100 -9.87 -5.01 2.67
CA ASP A 100 -10.52 -5.82 1.65
C ASP A 100 -11.98 -6.05 2.01
N LYS A 101 -12.26 -6.24 3.29
CA LYS A 101 -13.65 -6.48 3.67
C LYS A 101 -14.47 -5.20 3.55
N ILE A 102 -13.94 -4.10 4.07
CA ILE A 102 -14.63 -2.82 3.95
C ILE A 102 -15.05 -2.61 2.51
N ILE A 103 -14.12 -2.82 1.58
CA ILE A 103 -14.43 -2.55 0.18
C ILE A 103 -15.53 -3.48 -0.30
N GLU A 104 -15.40 -4.78 -0.03
CA GLU A 104 -16.41 -5.70 -0.50
C GLU A 104 -17.76 -5.35 0.09
N ASN A 105 -17.78 -4.95 1.36
CA ASN A 105 -19.01 -4.48 1.96
C ASN A 105 -19.57 -3.31 1.16
N LEU A 106 -18.70 -2.42 0.70
CA LEU A 106 -19.16 -1.31 -0.12
C LEU A 106 -19.91 -1.81 -1.35
N GLU A 107 -19.49 -2.95 -1.92
CA GLU A 107 -20.21 -3.46 -3.09
C GLU A 107 -21.56 -4.03 -2.71
N ALA A 108 -21.68 -4.62 -1.52
CA ALA A 108 -22.99 -4.99 -1.00
C ALA A 108 -23.87 -3.76 -0.89
N ASN A 109 -23.31 -2.68 -0.37
CA ASN A 109 -23.93 -1.36 -0.33
C ASN A 109 -24.32 -0.88 -1.72
N GLU B 3 3.06 -1.95 15.66
CA GLU B 3 2.93 -0.59 15.12
C GLU B 3 2.67 -0.59 13.61
N ILE B 4 2.08 0.48 13.10
CA ILE B 4 1.87 0.61 11.66
C ILE B 4 2.32 1.98 11.15
N PRO B 5 3.01 2.05 10.01
CA PRO B 5 3.41 3.36 9.47
C PRO B 5 2.20 4.23 9.17
N LYS B 6 2.22 5.46 9.67
CA LYS B 6 1.14 6.41 9.37
C LYS B 6 0.97 6.61 7.87
N GLU B 7 2.08 6.68 7.13
CA GLU B 7 1.98 6.72 5.66
C GLU B 7 1.13 5.56 5.16
N MET B 8 1.12 4.43 5.87
CA MET B 8 0.37 3.28 5.39
C MET B 8 -1.12 3.39 5.67
N LEU B 9 -1.53 3.95 6.83
CA LEU B 9 -2.96 4.11 7.06
C LEU B 9 -3.52 5.18 6.12
N ARG B 10 -2.74 6.21 5.85
CA ARG B 10 -3.16 7.23 4.90
C ARG B 10 -3.43 6.60 3.54
N ALA B 11 -2.59 5.64 3.14
CA ALA B 11 -2.82 4.95 1.87
C ALA B 11 -4.11 4.15 1.88
N GLN B 12 -4.34 3.38 2.95
CA GLN B 12 -5.56 2.58 3.01
C GLN B 12 -6.80 3.45 2.86
N THR B 13 -6.87 4.52 3.64
CA THR B 13 -8.00 5.42 3.56
C THR B 13 -8.19 5.95 2.15
N ASN B 14 -7.09 6.18 1.42
CA ASN B 14 -7.19 6.63 0.04
C ASN B 14 -7.84 5.56 -0.82
N VAL B 15 -7.37 4.31 -0.67
CA VAL B 15 -7.95 3.22 -1.45
C VAL B 15 -9.44 3.13 -1.19
N ILE B 16 -9.84 3.16 0.08
CA ILE B 16 -11.25 3.02 0.39
C ILE B 16 -12.05 4.13 -0.27
N LEU B 17 -11.57 5.37 -0.11
CA LEU B 17 -12.25 6.50 -0.71
C LEU B 17 -12.41 6.32 -2.21
N LEU B 18 -11.31 6.00 -2.90
CA LEU B 18 -11.38 5.84 -4.35
C LEU B 18 -12.33 4.73 -4.74
N ASN B 19 -12.41 3.67 -3.95
CA ASN B 19 -13.36 2.62 -4.27
C ASN B 19 -14.78 3.10 -4.07
N VAL B 20 -15.02 4.00 -3.12
CA VAL B 20 -16.37 4.52 -2.94
C VAL B 20 -16.81 5.26 -4.19
N LEU B 21 -15.95 6.13 -4.71
CA LEU B 21 -16.29 6.84 -5.94
C LEU B 21 -16.35 5.90 -7.11
N LYS B 22 -15.59 4.80 -7.06
CA LYS B 22 -15.69 3.75 -8.06
C LYS B 22 -17.08 3.15 -8.08
N GLN B 23 -17.69 2.94 -6.91
CA GLN B 23 -19.07 2.51 -6.88
C GLN B 23 -19.97 3.52 -7.59
N GLY B 24 -19.64 4.80 -7.47
CA GLY B 24 -20.43 5.86 -8.08
C GLY B 24 -20.17 7.19 -7.42
N ASP B 25 -20.45 8.26 -8.16
CA ASP B 25 -20.25 9.61 -7.64
C ASP B 25 -20.93 9.76 -6.28
N ASN B 26 -20.39 10.65 -5.46
CA ASN B 26 -20.90 10.79 -4.09
C ASN B 26 -20.45 12.10 -3.47
N TYR B 27 -21.17 12.49 -2.41
CA TYR B 27 -20.81 13.66 -1.62
C TYR B 27 -20.28 13.21 -0.26
N VAL B 28 -19.60 14.13 0.40
CA VAL B 28 -18.75 13.77 1.54
C VAL B 28 -19.55 13.02 2.60
N TYR B 29 -20.69 13.59 3.00
CA TYR B 29 -21.47 12.98 4.09
C TYR B 29 -21.93 11.58 3.70
N GLY B 30 -22.29 11.40 2.44
CA GLY B 30 -22.65 10.07 1.97
C GLY B 30 -21.48 9.12 1.97
N ILE B 31 -20.27 9.64 1.79
CA ILE B 31 -19.10 8.78 1.72
C ILE B 31 -18.75 8.25 3.10
N ILE B 32 -18.63 9.14 4.08
CA ILE B 32 -18.34 8.67 5.44
C ILE B 32 -19.41 7.69 5.88
N LYS B 33 -20.68 8.01 5.60
CA LYS B 33 -21.76 7.09 5.95
C LYS B 33 -21.55 5.75 5.28
N GLN B 34 -21.26 5.76 3.97
CA GLN B 34 -21.08 4.50 3.26
C GLN B 34 -19.93 3.70 3.86
N VAL B 35 -18.86 4.37 4.22
CA VAL B 35 -17.68 3.70 4.77
C VAL B 35 -17.91 3.28 6.21
N LYS B 36 -18.52 4.15 7.01
CA LYS B 36 -18.87 3.79 8.38
C LYS B 36 -19.72 2.52 8.39
N GLU B 37 -20.63 2.40 7.43
CA GLU B 37 -21.47 1.21 7.37
C GLU B 37 -20.65 0.00 6.92
N ALA B 38 -19.94 0.15 5.81
CA ALA B 38 -19.18 -0.95 5.25
C ALA B 38 -18.11 -1.43 6.22
N SER B 39 -17.61 -0.53 7.08
CA SER B 39 -16.70 -0.90 8.14
C SER B 39 -17.41 -1.32 9.42
N ASN B 40 -18.74 -1.43 9.39
CA ASN B 40 -19.50 -1.85 10.57
C ASN B 40 -19.10 -1.04 11.79
N GLY B 41 -18.69 0.21 11.56
CA GLY B 41 -18.45 1.18 12.61
C GLY B 41 -17.01 1.46 12.97
N GLU B 42 -16.04 0.72 12.45
CA GLU B 42 -14.66 0.94 12.88
C GLU B 42 -14.01 2.16 12.25
N MET B 43 -14.56 2.68 11.15
CA MET B 43 -13.96 3.83 10.47
C MET B 43 -14.96 4.98 10.38
N GLU B 44 -14.81 5.95 11.27
CA GLU B 44 -15.60 7.17 11.27
C GLU B 44 -14.64 8.26 10.78
N LEU B 45 -14.67 8.55 9.49
CA LEU B 45 -13.73 9.52 8.94
C LEU B 45 -14.16 10.91 9.33
N ASN B 46 -13.21 11.73 9.75
CA ASN B 46 -13.50 13.09 10.14
C ASN B 46 -13.54 13.99 8.91
N GLU B 47 -14.53 14.87 8.88
CA GLU B 47 -14.72 15.73 7.73
C GLU B 47 -13.45 16.49 7.38
N ALA B 48 -12.78 17.05 8.39
CA ALA B 48 -11.68 17.96 8.11
C ALA B 48 -10.53 17.25 7.41
N THR B 49 -10.07 16.12 7.95
CA THR B 49 -8.99 15.41 7.28
C THR B 49 -9.45 14.89 5.93
N LEU B 50 -10.74 14.58 5.80
CA LEU B 50 -11.22 14.04 4.53
C LEU B 50 -11.22 15.11 3.44
N TYR B 51 -11.72 16.31 3.75
CA TYR B 51 -11.63 17.37 2.77
C TYR B 51 -10.17 17.62 2.39
N THR B 52 -9.27 17.56 3.38
CA THR B 52 -7.85 17.74 3.10
C THR B 52 -7.39 16.76 2.03
N ILE B 53 -7.85 15.52 2.11
CA ILE B 53 -7.40 14.50 1.17
C ILE B 53 -7.99 14.76 -0.20
N PHE B 54 -9.24 15.26 -0.26
CA PHE B 54 -9.85 15.42 -1.57
C PHE B 54 -9.21 16.54 -2.35
N LYS B 55 -8.71 17.58 -1.67
CA LYS B 55 -8.03 18.63 -2.42
C LYS B 55 -6.81 18.05 -3.14
N ARG B 56 -6.07 17.16 -2.48
CA ARG B 56 -4.91 16.58 -3.15
C ARG B 56 -5.33 15.78 -4.38
N LEU B 57 -6.40 15.01 -4.28
CA LEU B 57 -6.79 14.19 -5.42
C LEU B 57 -7.25 15.04 -6.58
N GLU B 58 -8.08 16.05 -6.32
CA GLU B 58 -8.45 16.97 -7.39
C GLU B 58 -7.20 17.69 -7.92
N LYS B 59 -6.28 18.02 -7.02
CA LYS B 59 -5.03 18.66 -7.44
C LYS B 59 -4.24 17.71 -8.33
N ASP B 60 -4.42 16.40 -8.14
CA ASP B 60 -3.82 15.40 -9.00
C ASP B 60 -4.71 15.02 -10.17
N GLY B 61 -5.88 15.64 -10.29
CA GLY B 61 -6.82 15.29 -11.35
C GLY B 61 -7.41 13.89 -11.24
N ILE B 62 -7.19 13.22 -10.11
CA ILE B 62 -7.72 11.87 -9.94
C ILE B 62 -9.23 11.92 -9.76
N ILE B 63 -9.74 12.99 -9.14
CA ILE B 63 -11.17 13.19 -8.97
C ILE B 63 -11.48 14.61 -9.42
N SER B 64 -12.74 14.81 -9.81
CA SER B 64 -13.28 16.13 -10.10
C SER B 64 -14.47 16.36 -9.18
N SER B 65 -15.04 17.55 -9.25
CA SER B 65 -16.15 17.88 -8.37
C SER B 65 -17.22 18.64 -9.15
N TYR B 66 -18.43 18.61 -8.60
CA TYR B 66 -19.54 19.35 -9.19
C TYR B 66 -20.71 19.47 -8.21
N TFW B 67 -21.76 20.14 -8.64
CA TFW B 67 -22.91 20.47 -7.79
C TFW B 67 -24.22 19.87 -8.32
O TFW B 67 -24.42 19.91 -9.56
CB TFW B 67 -23.08 22.00 -7.70
CG TFW B 67 -22.03 22.64 -6.83
CD1 TFW B 67 -20.89 23.26 -7.26
CD2 TFW B 67 -22.08 22.69 -5.41
NE1 TFW B 67 -20.22 23.71 -6.14
CE2 TFW B 67 -20.92 23.37 -5.01
CE3 TFW B 67 -22.99 22.23 -4.47
CZ2 TFW B 67 -20.68 23.57 -3.66
CZ3 TFW B 67 -22.75 22.44 -3.13
CH2 TFW B 67 -21.59 23.12 -2.73
FAC TFW B 67 -19.55 24.23 -3.26
FAD TFW B 67 -21.36 23.32 -1.40
FAE TFW B 67 -23.63 22.00 -2.20
HA TFW B 67 -22.74 20.04 -6.80
HB3 TFW B 67 -24.06 22.23 -7.27
H1 TFW B 67 -23.01 22.42 -8.70
HD1 TFW B 67 -20.57 23.38 -8.30
HE1 TFW B 67 -19.34 24.21 -6.16
HE3 TFW B 67 -23.89 21.70 -4.78
N GLY B 68 -25.08 19.34 -7.45
CA GLY B 68 -26.39 18.88 -7.86
C GLY B 68 -27.37 18.74 -6.70
N ASP B 69 -28.64 19.06 -6.92
CA ASP B 69 -29.64 18.90 -5.87
C ASP B 69 -30.44 17.61 -6.10
N GLY B 74 -31.72 21.28 -1.95
CA GLY B 74 -31.02 20.02 -1.75
C GLY B 74 -29.67 19.96 -2.42
N ARG B 75 -29.08 21.14 -2.61
CA ARG B 75 -27.80 21.25 -3.30
C ARG B 75 -26.69 20.59 -2.49
N ARG B 76 -25.84 19.84 -3.17
CA ARG B 76 -24.69 19.19 -2.56
C ARG B 76 -23.59 19.08 -3.58
N LYS B 77 -22.35 19.16 -3.11
CA LYS B 77 -21.17 19.07 -3.98
C LYS B 77 -20.76 17.61 -4.11
N TYR B 78 -20.92 17.07 -5.32
CA TYR B 78 -20.59 15.68 -5.60
C TYR B 78 -19.18 15.59 -6.16
N TYR B 79 -18.56 14.45 -5.93
CA TYR B 79 -17.20 14.18 -6.38
C TYR B 79 -17.26 13.02 -7.34
N ARG B 80 -16.53 13.13 -8.45
CA ARG B 80 -16.57 12.17 -9.54
C ARG B 80 -15.20 11.50 -9.66
N LEU B 81 -15.20 10.24 -10.04
CA LEU B 81 -13.95 9.56 -10.40
C LEU B 81 -13.65 9.88 -11.86
N THR B 82 -12.56 10.62 -12.07
CA THR B 82 -12.17 11.01 -13.42
C THR B 82 -11.64 9.78 -14.17
N GLU B 83 -11.61 9.88 -15.49
CA GLU B 83 -11.06 8.77 -16.27
C GLU B 83 -9.59 8.56 -15.92
N ILE B 84 -8.84 9.65 -15.77
CA ILE B 84 -7.46 9.52 -15.32
C ILE B 84 -7.41 8.78 -13.98
N GLY B 85 -8.34 9.10 -13.09
CA GLY B 85 -8.44 8.35 -11.86
C GLY B 85 -8.77 6.90 -12.10
N HIS B 86 -9.73 6.65 -13.00
CA HIS B 86 -10.06 5.27 -13.35
C HIS B 86 -8.83 4.52 -13.85
N GLU B 87 -8.04 5.14 -14.73
CA GLU B 87 -6.86 4.48 -15.27
C GLU B 87 -5.82 4.22 -14.18
N ASN B 88 -5.52 5.24 -13.37
CA ASN B 88 -4.54 5.06 -12.29
C ASN B 88 -4.91 3.92 -11.36
N MET B 89 -6.19 3.82 -11.01
CA MET B 89 -6.63 2.74 -10.14
C MET B 89 -6.37 1.40 -10.79
N ARG B 90 -6.60 1.30 -12.09
CA ARG B 90 -6.33 0.06 -12.80
C ARG B 90 -4.85 -0.30 -12.71
N LEU B 91 -3.98 0.62 -13.14
CA LEU B 91 -2.54 0.36 -13.03
C LEU B 91 -2.18 -0.06 -11.61
N ALA B 92 -2.69 0.65 -10.61
CA ALA B 92 -2.32 0.37 -9.24
C ALA B 92 -2.74 -1.04 -8.84
N PHE B 93 -4.00 -1.40 -9.10
CA PHE B 93 -4.43 -2.77 -8.80
C PHE B 93 -3.66 -3.82 -9.58
N GLU B 94 -3.40 -3.57 -10.87
CA GLU B 94 -2.59 -4.51 -11.65
C GLU B 94 -1.16 -4.57 -11.14
N SER B 95 -0.58 -3.42 -10.84
CA SER B 95 0.72 -3.34 -10.19
C SER B 95 0.72 -4.17 -8.90
N TFW B 96 -0.15 -3.84 -7.98
CA TFW B 96 -0.18 -4.56 -6.69
C TFW B 96 -0.45 -6.04 -6.91
O TFW B 96 -0.08 -6.86 -6.04
CB TFW B 96 -1.21 -3.95 -5.74
CG TFW B 96 -0.61 -2.69 -5.19
CD1 TFW B 96 -0.85 -1.45 -5.65
CD2 TFW B 96 0.33 -2.64 -4.12
NE1 TFW B 96 -0.10 -0.57 -4.89
CE2 TFW B 96 0.63 -1.28 -3.97
CE3 TFW B 96 0.94 -3.59 -3.31
CZ2 TFW B 96 1.54 -0.87 -2.99
CZ3 TFW B 96 1.84 -3.16 -2.35
CH2 TFW B 96 2.12 -1.82 -2.20
FAC TFW B 96 1.85 0.44 -2.81
FAD TFW B 96 3.02 -1.48 -1.25
FAE TFW B 96 2.47 -4.00 -1.50
HA TFW B 96 0.81 -4.47 -6.22
HB3 TFW B 96 -1.44 -4.63 -4.92
H1 TFW B 96 -2.13 -3.71 -6.29
HD1 TFW B 96 -1.51 -1.18 -6.47
HE1 TFW B 96 -0.09 0.43 -5.00
HE3 TFW B 96 0.72 -4.65 -3.44
N SER B 97 -1.06 -6.41 -8.02
CA SER B 97 -1.36 -7.83 -8.26
C SER B 97 -0.07 -8.57 -8.54
N ARG B 98 0.82 -7.95 -9.32
CA ARG B 98 2.14 -8.55 -9.55
C ARG B 98 2.88 -8.73 -8.24
N VAL B 99 2.77 -7.77 -7.32
CA VAL B 99 3.48 -7.91 -6.05
C VAL B 99 3.02 -9.17 -5.34
N ASP B 100 1.70 -9.37 -5.27
CA ASP B 100 1.18 -10.56 -4.60
C ASP B 100 1.73 -11.83 -5.24
N LYS B 101 1.97 -11.81 -6.53
CA LYS B 101 2.52 -12.98 -7.21
C LYS B 101 4.00 -13.14 -6.89
N ILE B 102 4.75 -12.05 -6.96
CA ILE B 102 6.16 -12.13 -6.56
C ILE B 102 6.27 -12.79 -5.19
N ILE B 103 5.50 -12.33 -4.22
CA ILE B 103 5.60 -12.85 -2.87
C ILE B 103 5.26 -14.32 -2.84
N GLU B 104 4.21 -14.73 -3.52
CA GLU B 104 3.82 -16.13 -3.48
C GLU B 104 4.92 -17.02 -4.01
N ASN B 105 5.57 -16.60 -5.09
CA ASN B 105 6.72 -17.34 -5.59
C ASN B 105 7.81 -17.45 -4.55
N LEU B 106 8.04 -16.38 -3.81
CA LEU B 106 9.08 -16.37 -2.79
C LEU B 106 8.90 -17.48 -1.77
N GLU B 107 7.67 -17.85 -1.49
CA GLU B 107 7.38 -18.87 -0.47
C GLU B 107 7.88 -20.26 -0.87
N ALA B 108 8.03 -20.53 -2.15
CA ALA B 108 8.68 -21.75 -2.58
C ALA B 108 10.10 -21.94 -2.02
C1 DM1 C . -2.68 0.61 -3.52
C2 DM1 C . -3.65 0.62 -4.53
C3 DM1 C . -4.45 -0.50 -4.77
C4 DM1 C . -4.30 -1.64 -4.00
O4 DM1 C . -5.06 -2.76 -4.22
C5 DM1 C . -3.25 -1.64 -2.93
C6 DM1 C . -3.07 -2.76 -2.13
O6 DM1 C . -3.77 -3.80 -2.30
C7 DM1 C . -2.11 -2.75 -1.13
C8 DM1 C . -1.92 -3.88 -0.35
O8 DM1 C . -2.71 -4.97 -0.58
C9 DM1 C . -0.96 -3.89 0.65
C10 DM1 C . -0.85 -5.12 1.48
O10 DM1 C . -0.68 -6.30 0.66
C11 DM1 C . 0.24 -5.08 2.55
C12 DM1 C . 1.32 -4.02 2.41
O12 DM1 C . 2.22 -4.55 1.43
C13 DM1 C . 2.10 -3.84 3.70
O13 DM1 C . 2.55 -2.74 3.95
C14 DM1 C . 2.30 -5.02 4.60
C15 DM1 C . 0.87 -2.65 1.93
C16 DM1 C . -0.19 -2.75 0.87
C17 DM1 C . -0.37 -1.61 0.07
O17 DM1 C . 0.40 -0.51 0.29
C18 DM1 C . -1.33 -1.60 -0.93
C19 DM1 C . -1.52 -0.47 -1.72
O19 DM1 C . -0.82 0.54 -1.53
C20 DM1 C . -2.49 -0.50 -2.72
C21 DM1 C . -6.42 -2.80 -3.77
C1' DM1 C . -1.21 -7.47 1.27
C2' DM1 C . -1.51 -8.57 0.25
C3' DM1 C . -0.25 -9.19 -0.34
N3' DM1 C . -0.59 -10.41 -1.06
C4' DM1 C . 0.80 -9.53 0.71
O4' DM1 C . 0.39 -10.68 1.47
C5' DM1 C . 1.01 -8.34 1.63
O5' DM1 C . -0.25 -7.98 2.23
C6' DM1 C . 2.06 -8.59 2.71
H1 DM1 C . -2.08 1.50 -3.36
H2 DM1 C . -3.78 1.50 -5.14
H3 DM1 C . -5.20 -0.48 -5.55
HO8 DM1 C . -3.47 -4.96 0.03
H10 DM1 C . -1.79 -5.17 2.04
H111 DM1 C . 0.73 -6.06 2.56
H112 DM1 C . -0.25 -4.93 3.52
HO12 DM1 C . 3.00 -4.92 1.87
H141 DM1 C . 2.89 -4.73 5.44
H142 DM1 C . 2.80 -5.79 4.08
H143 DM1 C . 1.36 -5.37 4.94
H151 DM1 C . 1.73 -2.10 1.53
H152 DM1 C . 0.48 -2.09 2.77
HO17 DM1 C . -0.12 0.17 0.72
H211 DM1 C . -6.84 -3.74 -3.99
H212 DM1 C . -6.97 -2.04 -4.25
H213 DM1 C . -6.45 -2.63 -2.72
H1' DM1 C . -2.14 -7.20 1.76
H2'1 DM1 C . -2.11 -8.15 -0.55
H2'2 DM1 C . -2.09 -9.35 0.73
H3' DM1 C . 0.19 -8.45 -1.02
HN'1 DM1 C . -1.29 -10.38 -1.81
HN'2 DM1 C . -0.15 -11.28 -0.83
H4' DM1 C . 1.75 -9.79 0.22
HO4' DM1 C . 1.14 -11.03 1.97
H5' DM1 C . 1.38 -7.49 1.02
H6'1 DM1 C . 2.98 -8.84 2.24
H6'2 DM1 C . 1.74 -9.39 3.31
H6'3 DM1 C . 2.18 -7.72 3.29
#